data_8FHC
#
_entry.id   8FHC
#
_cell.length_a   48.296
_cell.length_b   85.711
_cell.length_c   112.558
_cell.angle_alpha   90.000
_cell.angle_beta   90.000
_cell.angle_gamma   90.000
#
_symmetry.space_group_name_H-M   'P 21 21 21'
#
loop_
_entity.id
_entity.type
_entity.pdbx_description
1 polymer tRNA-(MS[2]IO[6]A)-hydroxylase
2 non-polymer 'FE (III) ION'
3 non-polymer 'BROMIDE ION'
4 non-polymer 'CHOLIC ACID'
5 water water
#
_entity_poly.entity_id   1
_entity_poly.type   'polypeptide(L)'
_entity_poly.pdbx_seq_one_letter_code
;HHHHHHMSQELLAPIKAFLGCETPQSWLQFATQDIETLLIDHANCEKKAAATALNLLFRYVERKELLTNLSQLAREELLH
FEQVCEYMENMGIPYKHVPSSRYASSLRKQVRNEEPYRLVDILIIGAFIEARSCERFAALAPLLETQPETQELARYYRFL
LKSESRHFEDYLALATQYFPDTEADLHARIAEIRECERELIESEDTEFRFHSGSPAPALRAGI
;
_entity_poly.pdbx_strand_id   A,B
#
# COMPACT_ATOMS: atom_id res chain seq x y z
N LEU A 11 -23.00 2.80 -18.56
CA LEU A 11 -21.83 2.62 -17.63
C LEU A 11 -22.28 1.93 -16.34
N LEU A 12 -23.37 2.44 -15.75
CA LEU A 12 -23.92 1.93 -14.49
C LEU A 12 -24.77 0.69 -14.71
N ALA A 13 -25.22 0.46 -15.96
CA ALA A 13 -26.07 -0.67 -16.30
C ALA A 13 -25.44 -1.99 -15.87
N PRO A 14 -24.17 -2.32 -16.24
CA PRO A 14 -23.52 -3.54 -15.78
C PRO A 14 -23.18 -3.60 -14.28
N ILE A 15 -22.99 -2.44 -13.66
CA ILE A 15 -22.82 -2.33 -12.21
C ILE A 15 -24.12 -2.71 -11.52
N LYS A 16 -25.25 -2.20 -12.01
CA LYS A 16 -26.54 -2.50 -11.42
C LYS A 16 -26.95 -3.95 -11.62
N ALA A 17 -26.66 -4.51 -12.80
CA ALA A 17 -26.90 -5.92 -13.06
C ALA A 17 -26.12 -6.79 -12.06
N PHE A 18 -24.83 -6.47 -11.84
CA PHE A 18 -23.98 -7.29 -10.99
C PHE A 18 -24.40 -7.27 -9.51
N LEU A 19 -24.89 -6.13 -9.02
CA LEU A 19 -25.24 -5.96 -7.60
C LEU A 19 -26.63 -6.51 -7.35
N GLY A 20 -26.92 -6.84 -6.08
CA GLY A 20 -28.15 -7.55 -5.73
C GLY A 20 -29.29 -6.61 -5.29
N CYS A 21 -29.02 -5.31 -5.30
CA CYS A 21 -29.93 -4.28 -4.85
C CYS A 21 -29.26 -2.93 -5.10
N GLU A 22 -30.11 -1.89 -5.15
CA GLU A 22 -29.65 -0.52 -5.10
C GLU A 22 -29.42 -0.07 -3.66
N THR A 23 -28.71 1.04 -3.55
CA THR A 23 -28.53 1.74 -2.28
C THR A 23 -29.89 2.23 -1.79
N PRO A 24 -30.34 1.84 -0.58
CA PRO A 24 -31.64 2.26 -0.08
C PRO A 24 -31.75 3.78 0.07
N GLN A 25 -32.98 4.28 -0.03
CA GLN A 25 -33.23 5.71 0.01
C GLN A 25 -32.96 6.22 1.43
N SER A 26 -33.19 5.38 2.45
CA SER A 26 -32.90 5.70 3.84
C SER A 26 -31.43 6.08 4.04
N TRP A 27 -30.52 5.35 3.38
CA TRP A 27 -29.10 5.62 3.48
C TRP A 27 -28.78 7.00 2.89
N LEU A 28 -29.38 7.28 1.72
CA LEU A 28 -29.11 8.49 0.93
C LEU A 28 -29.60 9.74 1.67
N GLN A 29 -30.71 9.60 2.40
CA GLN A 29 -31.31 10.70 3.18
C GLN A 29 -30.43 11.06 4.37
N PHE A 30 -29.88 10.03 5.03
CA PHE A 30 -29.00 10.22 6.17
C PHE A 30 -27.66 10.78 5.71
N ALA A 31 -27.18 10.33 4.55
CA ALA A 31 -25.82 10.62 4.13
C ALA A 31 -25.61 12.12 4.02
N THR A 32 -26.64 12.86 3.57
CA THR A 32 -26.50 14.28 3.32
C THR A 32 -26.55 15.08 4.63
N GLN A 33 -26.90 14.41 5.72
CA GLN A 33 -26.97 15.02 7.03
C GLN A 33 -25.71 14.77 7.84
N ASP A 34 -24.78 13.95 7.32
CA ASP A 34 -23.50 13.73 7.97
C ASP A 34 -22.41 13.56 6.91
N ILE A 35 -22.10 14.68 6.25
CA ILE A 35 -21.07 14.72 5.24
C ILE A 35 -19.70 14.43 5.86
N GLU A 36 -19.47 14.89 7.09
CA GLU A 36 -18.22 14.70 7.80
C GLU A 36 -17.88 13.21 7.95
N THR A 37 -18.80 12.43 8.50
CA THR A 37 -18.55 11.02 8.70
C THR A 37 -18.39 10.36 7.33
N LEU A 38 -19.23 10.76 6.38
CA LEU A 38 -19.20 10.22 5.03
C LEU A 38 -17.78 10.35 4.46
N LEU A 39 -17.19 11.54 4.59
CA LEU A 39 -15.94 11.84 3.93
C LEU A 39 -14.76 11.19 4.65
N ILE A 40 -14.78 11.17 5.98
CA ILE A 40 -13.69 10.53 6.70
C ILE A 40 -13.68 9.03 6.44
N ASP A 41 -14.86 8.38 6.42
CA ASP A 41 -14.97 6.96 6.17
C ASP A 41 -14.55 6.69 4.73
N HIS A 42 -14.94 7.58 3.81
CA HIS A 42 -14.51 7.45 2.43
C HIS A 42 -12.98 7.40 2.39
N ALA A 43 -12.32 8.39 2.99
CA ALA A 43 -10.86 8.39 3.06
C ALA A 43 -10.33 7.05 3.54
N ASN A 44 -10.87 6.49 4.63
CA ASN A 44 -10.44 5.20 5.15
C ASN A 44 -10.67 4.06 4.16
N CYS A 45 -11.80 4.09 3.44
CA CYS A 45 -12.08 3.04 2.48
C CYS A 45 -11.05 3.00 1.36
N GLU A 46 -10.60 4.18 0.90
CA GLU A 46 -9.61 4.27 -0.14
C GLU A 46 -8.29 3.64 0.33
N LYS A 47 -7.90 3.92 1.59
CA LYS A 47 -6.76 3.27 2.22
C LYS A 47 -6.93 1.75 2.25
N LYS A 48 -8.13 1.28 2.61
CA LYS A 48 -8.39 -0.15 2.72
C LYS A 48 -8.30 -0.82 1.35
N ALA A 49 -8.73 -0.13 0.30
CA ALA A 49 -8.67 -0.71 -1.02
C ALA A 49 -7.19 -0.82 -1.44
N ALA A 50 -6.37 0.19 -1.12
CA ALA A 50 -4.93 0.05 -1.35
C ALA A 50 -4.36 -1.13 -0.53
N ALA A 51 -4.79 -1.27 0.72
CA ALA A 51 -4.31 -2.35 1.58
C ALA A 51 -4.62 -3.71 0.96
N THR A 52 -5.87 -3.93 0.56
CA THR A 52 -6.28 -5.20 -0.02
C THR A 52 -5.44 -5.58 -1.22
N ALA A 53 -5.27 -4.63 -2.14
CA ALA A 53 -4.51 -4.86 -3.35
C ALA A 53 -3.07 -5.22 -3.00
N LEU A 54 -2.47 -4.47 -2.07
CA LEU A 54 -1.07 -4.66 -1.73
C LEU A 54 -0.83 -6.01 -1.06
N ASN A 55 -1.75 -6.41 -0.17
CA ASN A 55 -1.66 -7.71 0.47
C ASN A 55 -1.62 -8.81 -0.58
N LEU A 56 -2.45 -8.67 -1.63
CA LEU A 56 -2.49 -9.58 -2.75
C LEU A 56 -1.16 -9.62 -3.52
N LEU A 57 -0.49 -8.48 -3.66
CA LEU A 57 0.81 -8.43 -4.32
C LEU A 57 1.87 -9.17 -3.51
N PHE A 58 1.69 -9.21 -2.19
CA PHE A 58 2.62 -9.92 -1.33
C PHE A 58 2.46 -11.41 -1.49
N ARG A 59 1.22 -11.87 -1.64
CA ARG A 59 0.91 -13.28 -1.53
C ARG A 59 0.95 -14.00 -2.88
N TYR A 60 0.52 -13.38 -3.97
CA TYR A 60 0.31 -14.13 -5.21
C TYR A 60 1.24 -13.71 -6.34
N VAL A 61 2.55 -13.92 -6.14
CA VAL A 61 3.57 -13.40 -7.04
C VAL A 61 3.62 -14.20 -8.35
N GLU A 62 3.00 -15.38 -8.35
CA GLU A 62 2.95 -16.24 -9.51
C GLU A 62 1.87 -15.75 -10.46
N ARG A 63 0.87 -15.02 -9.96
CA ARG A 63 -0.22 -14.52 -10.78
C ARG A 63 0.17 -13.21 -11.47
N LYS A 64 0.62 -13.25 -12.73
CA LYS A 64 1.34 -12.10 -13.24
C LYS A 64 0.40 -10.97 -13.71
N GLU A 65 -0.84 -11.28 -14.10
CA GLU A 65 -1.76 -10.22 -14.49
C GLU A 65 -2.25 -9.49 -13.23
N LEU A 66 -2.38 -10.22 -12.11
CA LEU A 66 -2.77 -9.63 -10.84
C LEU A 66 -1.72 -8.61 -10.38
N LEU A 67 -0.40 -8.97 -10.47
CA LEU A 67 0.65 -8.03 -10.10
C LEU A 67 0.54 -6.71 -10.85
N THR A 68 0.45 -6.75 -12.19
CA THR A 68 0.40 -5.55 -13.01
C THR A 68 -0.84 -4.71 -12.70
N ASN A 69 -2.02 -5.35 -12.76
CA ASN A 69 -3.28 -4.66 -12.54
C ASN A 69 -3.38 -4.10 -11.13
N LEU A 70 -3.13 -4.94 -10.10
CA LEU A 70 -3.46 -4.53 -8.74
C LEU A 70 -2.41 -3.56 -8.20
N SER A 71 -1.19 -3.57 -8.74
CA SER A 71 -0.24 -2.55 -8.34
C SER A 71 -0.71 -1.18 -8.82
N GLN A 72 -1.21 -1.10 -10.07
CA GLN A 72 -1.77 0.13 -10.60
C GLN A 72 -2.99 0.55 -9.79
N LEU A 73 -3.90 -0.39 -9.54
CA LEU A 73 -5.07 -0.10 -8.73
C LEU A 73 -4.68 0.53 -7.38
N ALA A 74 -3.67 -0.02 -6.69
CA ALA A 74 -3.30 0.45 -5.36
C ALA A 74 -2.73 1.87 -5.39
N ARG A 75 -2.01 2.21 -6.46
CA ARG A 75 -1.59 3.59 -6.66
C ARG A 75 -2.78 4.53 -6.88
N GLU A 76 -3.80 4.10 -7.65
CA GLU A 76 -4.95 4.94 -7.89
C GLU A 76 -5.74 5.14 -6.59
N GLU A 77 -5.83 4.09 -5.77
CA GLU A 77 -6.58 4.20 -4.52
C GLU A 77 -5.89 5.17 -3.56
N LEU A 78 -4.54 5.18 -3.56
CA LEU A 78 -3.77 6.07 -2.69
C LEU A 78 -3.96 7.50 -3.15
N LEU A 79 -4.08 7.69 -4.46
CA LEU A 79 -4.35 8.99 -5.06
C LEU A 79 -5.76 9.43 -4.63
N HIS A 80 -6.75 8.54 -4.72
CA HIS A 80 -8.07 8.83 -4.20
C HIS A 80 -7.97 9.28 -2.74
N PHE A 81 -7.15 8.60 -1.95
CA PHE A 81 -6.99 8.92 -0.53
C PHE A 81 -6.52 10.37 -0.36
N GLU A 82 -5.47 10.75 -1.08
CA GLU A 82 -4.92 12.11 -1.04
C GLU A 82 -5.97 13.14 -1.48
N GLN A 83 -6.80 12.78 -2.47
CA GLN A 83 -7.81 13.69 -3.00
C GLN A 83 -8.85 13.98 -1.92
N VAL A 84 -9.33 12.93 -1.23
CA VAL A 84 -10.30 13.09 -0.16
C VAL A 84 -9.69 13.90 0.99
N CYS A 85 -8.41 13.67 1.29
CA CYS A 85 -7.74 14.43 2.33
C CYS A 85 -7.75 15.93 2.00
N GLU A 86 -7.63 16.26 0.72
CA GLU A 86 -7.66 17.65 0.28
C GLU A 86 -9.05 18.26 0.40
N TYR A 87 -10.09 17.52 -0.05
CA TYR A 87 -11.46 17.96 0.17
C TYR A 87 -11.71 18.22 1.65
N MET A 88 -11.20 17.36 2.56
CA MET A 88 -11.44 17.54 3.99
C MET A 88 -10.83 18.86 4.47
N GLU A 89 -9.54 19.07 4.18
CA GLU A 89 -8.87 20.36 4.36
C GLU A 89 -9.75 21.54 3.91
N ASN A 90 -10.15 21.52 2.64
CA ASN A 90 -10.86 22.64 2.03
C ASN A 90 -12.26 22.82 2.63
N MET A 91 -12.91 21.73 3.08
CA MET A 91 -14.28 21.79 3.57
C MET A 91 -14.30 22.12 5.06
N GLY A 92 -13.13 22.21 5.69
CA GLY A 92 -13.00 22.45 7.12
C GLY A 92 -13.19 21.21 8.01
N ILE A 93 -12.94 20.00 7.47
CA ILE A 93 -13.27 18.76 8.16
C ILE A 93 -12.02 18.16 8.80
N PRO A 94 -11.94 18.06 10.15
CA PRO A 94 -10.84 17.35 10.80
C PRO A 94 -10.87 15.84 10.59
N TYR A 95 -9.68 15.23 10.57
CA TYR A 95 -9.59 13.79 10.36
C TYR A 95 -9.85 13.09 11.69
N LYS A 96 -11.14 12.93 12.01
CA LYS A 96 -11.59 12.27 13.23
C LYS A 96 -11.41 10.75 13.11
N HIS A 97 -11.31 10.09 14.27
CA HIS A 97 -11.29 8.64 14.36
C HIS A 97 -12.69 8.11 14.05
N VAL A 98 -12.88 7.47 12.89
CA VAL A 98 -14.13 6.79 12.61
C VAL A 98 -13.83 5.30 12.44
N PRO A 99 -14.19 4.43 13.39
CA PRO A 99 -13.85 3.02 13.27
C PRO A 99 -14.57 2.47 12.03
N SER A 100 -14.10 1.33 11.52
CA SER A 100 -14.51 0.88 10.21
C SER A 100 -15.93 0.31 10.27
N SER A 101 -16.56 0.30 9.10
CA SER A 101 -17.86 -0.30 8.87
C SER A 101 -17.83 -1.82 9.12
N ARG A 102 -19.03 -2.41 9.30
CA ARG A 102 -19.21 -3.85 9.32
C ARG A 102 -19.05 -4.48 7.93
N TYR A 103 -19.05 -3.66 6.88
CA TYR A 103 -19.20 -4.15 5.52
C TYR A 103 -18.04 -5.07 5.12
N ALA A 104 -16.82 -4.52 5.06
CA ALA A 104 -15.71 -5.23 4.45
C ALA A 104 -15.30 -6.41 5.34
N SER A 105 -15.28 -6.22 6.68
CA SER A 105 -14.94 -7.30 7.59
C SER A 105 -15.94 -8.46 7.51
N SER A 106 -17.24 -8.19 7.33
CA SER A 106 -18.22 -9.26 7.16
C SER A 106 -17.96 -10.01 5.88
N LEU A 107 -17.76 -9.27 4.80
CA LEU A 107 -17.49 -9.92 3.53
C LEU A 107 -16.22 -10.76 3.63
N ARG A 108 -15.19 -10.23 4.31
CA ARG A 108 -13.92 -10.94 4.39
C ARG A 108 -14.10 -12.24 5.18
N LYS A 109 -15.13 -12.32 6.02
CA LYS A 109 -15.41 -13.57 6.73
C LYS A 109 -15.93 -14.67 5.82
N GLN A 110 -16.30 -14.38 4.57
CA GLN A 110 -16.86 -15.38 3.68
C GLN A 110 -15.74 -16.13 2.95
N VAL A 111 -14.54 -15.58 2.98
CA VAL A 111 -13.45 -16.08 2.17
C VAL A 111 -13.11 -17.49 2.65
N ARG A 112 -13.02 -18.43 1.69
CA ARG A 112 -12.72 -19.83 1.97
C ARG A 112 -11.21 -20.00 2.13
N ASN A 113 -10.81 -20.95 2.98
CA ASN A 113 -9.39 -21.21 3.25
C ASN A 113 -8.69 -21.85 2.05
N GLU A 114 -9.32 -22.84 1.43
CA GLU A 114 -8.71 -23.69 0.42
C GLU A 114 -8.37 -22.89 -0.84
N GLU A 115 -7.11 -22.99 -1.29
CA GLU A 115 -6.66 -22.38 -2.53
C GLU A 115 -7.09 -23.26 -3.70
N PRO A 116 -7.37 -22.69 -4.90
CA PRO A 116 -7.32 -21.25 -5.15
C PRO A 116 -8.63 -20.50 -4.87
N TYR A 117 -9.53 -21.12 -4.09
CA TYR A 117 -10.83 -20.55 -3.80
C TYR A 117 -10.69 -19.31 -2.90
N ARG A 118 -9.68 -19.34 -2.01
CA ARG A 118 -9.29 -18.19 -1.22
C ARG A 118 -9.07 -16.98 -2.14
N LEU A 119 -8.13 -17.12 -3.07
CA LEU A 119 -7.80 -16.04 -3.99
C LEU A 119 -9.04 -15.55 -4.73
N VAL A 120 -9.82 -16.49 -5.26
CA VAL A 120 -10.95 -16.17 -6.10
C VAL A 120 -12.00 -15.39 -5.30
N ASP A 121 -12.33 -15.85 -4.09
CA ASP A 121 -13.26 -15.18 -3.19
C ASP A 121 -12.82 -13.74 -2.88
N ILE A 122 -11.52 -13.54 -2.62
CA ILE A 122 -11.00 -12.21 -2.34
C ILE A 122 -11.25 -11.30 -3.54
N LEU A 123 -11.02 -11.83 -4.75
CA LEU A 123 -11.19 -11.01 -5.95
C LEU A 123 -12.67 -10.76 -6.22
N ILE A 124 -13.53 -11.74 -5.91
CA ILE A 124 -14.96 -11.55 -6.10
C ILE A 124 -15.49 -10.46 -5.15
N ILE A 125 -15.05 -10.51 -3.88
CA ILE A 125 -15.38 -9.48 -2.91
C ILE A 125 -14.88 -8.12 -3.40
N GLY A 126 -13.62 -8.01 -3.83
CA GLY A 126 -13.14 -6.78 -4.42
C GLY A 126 -14.10 -6.21 -5.47
N ALA A 127 -14.53 -7.06 -6.40
CA ALA A 127 -15.47 -6.69 -7.45
C ALA A 127 -16.74 -6.08 -6.87
N PHE A 128 -17.32 -6.74 -5.85
CA PHE A 128 -18.54 -6.27 -5.20
C PHE A 128 -18.33 -4.95 -4.48
N ILE A 129 -17.19 -4.80 -3.79
CA ILE A 129 -16.92 -3.56 -3.09
C ILE A 129 -16.81 -2.42 -4.10
N GLU A 130 -16.13 -2.67 -5.22
CA GLU A 130 -15.86 -1.59 -6.17
C GLU A 130 -17.16 -1.27 -6.92
N ALA A 131 -17.95 -2.30 -7.25
CA ALA A 131 -19.26 -2.12 -7.85
C ALA A 131 -20.19 -1.29 -6.95
N ARG A 132 -20.24 -1.65 -5.65
CA ARG A 132 -21.11 -0.97 -4.72
C ARG A 132 -20.71 0.48 -4.56
N SER A 133 -19.40 0.76 -4.42
CA SER A 133 -18.92 2.12 -4.31
C SER A 133 -19.37 2.93 -5.53
N CYS A 134 -19.22 2.32 -6.71
CA CYS A 134 -19.56 2.98 -7.96
C CYS A 134 -21.06 3.33 -7.97
N GLU A 135 -21.92 2.39 -7.57
CA GLU A 135 -23.35 2.62 -7.51
C GLU A 135 -23.68 3.70 -6.48
N ARG A 136 -22.96 3.69 -5.36
CA ARG A 136 -23.32 4.60 -4.27
C ARG A 136 -22.84 6.01 -4.58
N PHE A 137 -21.64 6.15 -5.16
CA PHE A 137 -21.22 7.46 -5.64
C PHE A 137 -22.23 7.98 -6.66
N ALA A 138 -22.76 7.10 -7.55
CA ALA A 138 -23.64 7.54 -8.63
C ALA A 138 -24.95 8.07 -8.07
N ALA A 139 -25.47 7.36 -7.05
CA ALA A 139 -26.73 7.70 -6.38
C ALA A 139 -26.62 9.02 -5.62
N LEU A 140 -25.45 9.29 -5.02
CA LEU A 140 -25.20 10.45 -4.17
C LEU A 140 -25.02 11.73 -4.98
N ALA A 141 -24.31 11.62 -6.10
CA ALA A 141 -23.84 12.78 -6.83
C ALA A 141 -24.97 13.76 -7.11
N PRO A 142 -26.13 13.36 -7.70
CA PRO A 142 -27.19 14.33 -7.98
C PRO A 142 -27.80 14.94 -6.71
N LEU A 143 -27.77 14.19 -5.61
CA LEU A 143 -28.34 14.65 -4.34
C LEU A 143 -27.44 15.74 -3.74
N LEU A 144 -26.12 15.51 -3.79
CA LEU A 144 -25.13 16.47 -3.32
C LEU A 144 -25.11 17.74 -4.19
N GLU A 145 -25.44 17.61 -5.48
CA GLU A 145 -25.41 18.72 -6.42
C GLU A 145 -26.40 19.80 -5.99
N THR A 146 -27.40 19.43 -5.18
CA THR A 146 -28.50 20.32 -4.88
C THR A 146 -28.12 21.42 -3.90
N GLN A 147 -27.00 21.31 -3.15
CA GLN A 147 -26.57 22.38 -2.25
C GLN A 147 -25.18 22.88 -2.68
N PRO A 148 -24.91 24.20 -2.60
CA PRO A 148 -23.64 24.74 -3.08
C PRO A 148 -22.42 24.18 -2.35
N GLU A 149 -22.51 23.96 -1.04
CA GLU A 149 -21.33 23.55 -0.30
C GLU A 149 -21.00 22.08 -0.59
N THR A 150 -21.87 21.36 -1.32
CA THR A 150 -21.54 19.98 -1.68
C THR A 150 -21.38 19.81 -3.18
N GLN A 151 -21.42 20.88 -3.97
CA GLN A 151 -21.38 20.78 -5.41
C GLN A 151 -20.01 20.28 -5.88
N GLU A 152 -18.93 20.68 -5.17
CA GLU A 152 -17.58 20.27 -5.53
C GLU A 152 -17.41 18.77 -5.28
N LEU A 153 -17.98 18.30 -4.16
CA LEU A 153 -17.96 16.88 -3.85
C LEU A 153 -18.72 16.07 -4.89
N ALA A 154 -19.87 16.61 -5.36
CA ALA A 154 -20.67 15.91 -6.35
C ALA A 154 -19.84 15.67 -7.61
N ARG A 155 -19.21 16.74 -8.10
CA ARG A 155 -18.27 16.71 -9.22
C ARG A 155 -17.25 15.58 -9.03
N TYR A 156 -16.67 15.51 -7.84
CA TYR A 156 -15.65 14.50 -7.55
C TYR A 156 -16.27 13.11 -7.60
N TYR A 157 -17.48 12.95 -7.06
CA TYR A 157 -18.16 11.66 -7.04
C TYR A 157 -18.46 11.19 -8.47
N ARG A 158 -18.87 12.12 -9.36
CA ARG A 158 -19.10 11.75 -10.74
C ARG A 158 -17.78 11.35 -11.40
N PHE A 159 -16.70 12.08 -11.13
CA PHE A 159 -15.38 11.76 -11.67
C PHE A 159 -14.93 10.36 -11.25
N LEU A 160 -15.23 9.94 -10.02
CA LEU A 160 -14.77 8.64 -9.52
C LEU A 160 -15.43 7.46 -10.23
N LEU A 161 -16.56 7.69 -10.91
CA LEU A 161 -17.42 6.63 -11.40
C LEU A 161 -16.68 5.77 -12.42
N LYS A 162 -15.88 6.43 -13.26
CA LYS A 162 -15.17 5.75 -14.34
C LYS A 162 -14.12 4.84 -13.71
N SER A 163 -13.42 5.38 -12.71
CA SER A 163 -12.39 4.69 -11.93
C SER A 163 -12.92 3.40 -11.33
N GLU A 164 -14.02 3.54 -10.58
CA GLU A 164 -14.57 2.43 -9.81
C GLU A 164 -15.09 1.35 -10.74
N SER A 165 -15.68 1.78 -11.88
CA SER A 165 -16.22 0.87 -12.87
C SER A 165 -15.11 -0.02 -13.42
N ARG A 166 -13.96 0.60 -13.70
CA ARG A 166 -12.80 -0.12 -14.19
C ARG A 166 -12.25 -1.07 -13.11
N HIS A 167 -12.18 -0.61 -11.86
CA HIS A 167 -11.68 -1.44 -10.77
C HIS A 167 -12.54 -2.69 -10.61
N PHE A 168 -13.86 -2.53 -10.67
CA PHE A 168 -14.81 -3.63 -10.61
C PHE A 168 -14.50 -4.65 -11.72
N GLU A 169 -14.33 -4.14 -12.95
CA GLU A 169 -14.15 -5.00 -14.11
C GLU A 169 -12.85 -5.80 -13.93
N ASP A 170 -11.81 -5.13 -13.44
CA ASP A 170 -10.49 -5.73 -13.30
C ASP A 170 -10.55 -6.83 -12.24
N TYR A 171 -11.14 -6.54 -11.09
CA TYR A 171 -11.26 -7.57 -10.05
C TYR A 171 -12.01 -8.77 -10.61
N LEU A 172 -13.13 -8.54 -11.30
CA LEU A 172 -13.95 -9.63 -11.80
C LEU A 172 -13.22 -10.45 -12.87
N ALA A 173 -12.50 -9.76 -13.75
CA ALA A 173 -11.71 -10.43 -14.77
C ALA A 173 -10.68 -11.38 -14.15
N LEU A 174 -9.99 -10.94 -13.10
CA LEU A 174 -9.01 -11.76 -12.41
C LEU A 174 -9.66 -12.97 -11.77
N ALA A 175 -10.79 -12.74 -11.08
CA ALA A 175 -11.50 -13.85 -10.46
C ALA A 175 -11.84 -14.90 -11.51
N THR A 176 -12.28 -14.44 -12.69
CA THR A 176 -12.74 -15.34 -13.72
C THR A 176 -11.58 -16.18 -14.22
N GLN A 177 -10.41 -15.56 -14.44
CA GLN A 177 -9.32 -16.28 -15.07
C GLN A 177 -8.63 -17.26 -14.11
N TYR A 178 -8.74 -17.07 -12.78
CA TYR A 178 -8.08 -17.94 -11.81
C TYR A 178 -9.04 -18.94 -11.18
N PHE A 179 -10.33 -18.89 -11.53
CA PHE A 179 -11.30 -19.86 -11.03
C PHE A 179 -11.07 -21.21 -11.71
N PRO A 180 -10.91 -22.32 -10.93
CA PRO A 180 -10.54 -23.62 -11.52
C PRO A 180 -11.66 -24.48 -12.11
N ASP A 181 -12.92 -24.18 -11.77
CA ASP A 181 -14.03 -25.06 -12.08
C ASP A 181 -14.87 -24.41 -13.17
N THR A 182 -16.11 -24.85 -13.34
CA THR A 182 -16.92 -24.40 -14.48
C THR A 182 -17.41 -22.98 -14.24
N GLU A 183 -17.75 -22.31 -15.36
CA GLU A 183 -18.39 -21.00 -15.33
C GLU A 183 -19.64 -21.00 -14.45
N ALA A 184 -20.45 -22.05 -14.55
CA ALA A 184 -21.66 -22.20 -13.72
C ALA A 184 -21.30 -22.20 -12.23
N ASP A 185 -20.21 -22.86 -11.86
CA ASP A 185 -19.72 -22.89 -10.50
C ASP A 185 -19.30 -21.49 -10.04
N LEU A 186 -18.70 -20.71 -10.94
CA LEU A 186 -18.31 -19.35 -10.63
C LEU A 186 -19.56 -18.50 -10.36
N HIS A 187 -20.52 -18.56 -11.30
CA HIS A 187 -21.79 -17.86 -11.14
C HIS A 187 -22.46 -18.17 -9.81
N ALA A 188 -22.45 -19.44 -9.42
CA ALA A 188 -23.12 -19.83 -8.19
C ALA A 188 -22.39 -19.23 -6.98
N ARG A 189 -21.06 -19.13 -7.03
CA ARG A 189 -20.31 -18.55 -5.92
C ARG A 189 -20.51 -17.03 -5.89
N ILE A 190 -20.45 -16.37 -7.07
CA ILE A 190 -20.77 -14.98 -7.19
C ILE A 190 -22.17 -14.72 -6.63
N ALA A 191 -23.16 -15.57 -6.94
CA ALA A 191 -24.50 -15.38 -6.42
C ALA A 191 -24.53 -15.50 -4.90
N GLU A 192 -23.67 -16.33 -4.30
CA GLU A 192 -23.61 -16.44 -2.84
C GLU A 192 -23.07 -15.15 -2.22
N ILE A 193 -21.98 -14.62 -2.78
CA ILE A 193 -21.42 -13.37 -2.27
C ILE A 193 -22.40 -12.22 -2.53
N ARG A 194 -23.13 -12.25 -3.63
CA ARG A 194 -24.09 -11.21 -3.93
C ARG A 194 -25.17 -11.12 -2.85
N GLU A 195 -25.57 -12.26 -2.30
CA GLU A 195 -26.65 -12.29 -1.32
C GLU A 195 -26.13 -11.75 0.01
N CYS A 196 -24.90 -12.13 0.38
CA CYS A 196 -24.24 -11.59 1.56
C CYS A 196 -24.17 -10.07 1.50
N GLU A 197 -23.71 -9.55 0.35
CA GLU A 197 -23.51 -8.12 0.18
C GLU A 197 -24.85 -7.40 0.21
N ARG A 198 -25.86 -7.97 -0.46
CA ARG A 198 -27.20 -7.40 -0.46
C ARG A 198 -27.73 -7.23 0.97
N GLU A 199 -27.55 -8.28 1.80
CA GLU A 199 -28.06 -8.27 3.16
C GLU A 199 -27.33 -7.23 4.00
N LEU A 200 -26.02 -7.05 3.76
CA LEU A 200 -25.23 -6.05 4.47
C LEU A 200 -25.71 -4.63 4.14
N ILE A 201 -26.18 -4.44 2.91
CA ILE A 201 -26.60 -3.14 2.44
C ILE A 201 -28.05 -2.85 2.86
N GLU A 202 -28.94 -3.84 2.74
CA GLU A 202 -30.36 -3.59 2.98
C GLU A 202 -30.75 -3.71 4.45
N SER A 203 -30.04 -4.52 5.24
CA SER A 203 -30.47 -4.73 6.61
C SER A 203 -30.18 -3.48 7.44
N GLU A 204 -30.80 -3.42 8.62
CA GLU A 204 -30.71 -2.26 9.49
C GLU A 204 -29.28 -2.14 9.99
N ASP A 205 -28.83 -0.89 10.14
CA ASP A 205 -27.50 -0.64 10.67
C ASP A 205 -27.58 0.50 11.67
N THR A 206 -26.97 0.28 12.85
CA THR A 206 -26.97 1.26 13.92
C THR A 206 -25.83 2.26 13.76
N GLU A 207 -24.98 2.11 12.75
CA GLU A 207 -24.02 3.17 12.48
C GLU A 207 -24.10 3.63 11.01
N PHE A 208 -23.47 4.78 10.74
CA PHE A 208 -23.48 5.38 9.42
C PHE A 208 -22.04 5.50 8.92
N ARG A 209 -21.81 4.86 7.76
CA ARG A 209 -20.53 4.82 7.08
C ARG A 209 -20.82 4.78 5.57
N PHE A 210 -19.76 4.92 4.76
CA PHE A 210 -19.92 4.79 3.32
C PHE A 210 -20.70 3.51 2.95
N HIS A 211 -20.36 2.35 3.54
CA HIS A 211 -20.93 1.07 3.12
C HIS A 211 -21.84 0.52 4.22
N SER A 212 -22.40 1.40 5.04
CA SER A 212 -23.27 0.95 6.12
C SER A 212 -24.63 0.63 5.51
N GLY A 213 -25.46 -0.08 6.30
CA GLY A 213 -26.76 -0.53 5.84
C GLY A 213 -27.82 0.54 6.07
N SER A 214 -29.08 0.11 6.00
CA SER A 214 -30.18 1.03 6.15
C SER A 214 -30.18 1.64 7.55
N PRO A 215 -30.07 2.99 7.72
CA PRO A 215 -30.03 3.61 9.05
C PRO A 215 -31.17 3.21 9.99
N ALA A 216 -30.83 2.76 11.20
CA ALA A 216 -31.85 2.31 12.15
C ALA A 216 -32.55 3.52 12.77
N PRO A 217 -33.82 3.37 13.25
CA PRO A 217 -34.51 4.43 14.00
C PRO A 217 -33.64 5.16 15.02
N ALA A 218 -32.98 4.38 15.88
CA ALA A 218 -32.01 4.90 16.83
C ALA A 218 -31.15 6.00 16.19
N LEU A 219 -30.64 5.74 14.97
CA LEU A 219 -29.68 6.60 14.29
C LEU A 219 -30.40 7.79 13.66
N ARG A 220 -31.61 7.54 13.12
CA ARG A 220 -32.49 8.57 12.59
C ARG A 220 -32.90 9.57 13.68
N ALA A 221 -33.15 9.08 14.90
CA ALA A 221 -33.52 9.94 16.03
C ALA A 221 -32.40 10.94 16.37
N GLY A 222 -31.14 10.52 16.20
CA GLY A 222 -29.98 11.31 16.61
C GLY A 222 -29.79 12.59 15.81
N ILE A 223 -30.33 12.68 14.58
CA ILE A 223 -30.32 13.94 13.85
C ILE A 223 -31.68 14.61 14.04
N GLN B 9 28.76 12.75 -5.85
CA GLN B 9 27.40 13.32 -6.04
C GLN B 9 26.94 13.96 -4.74
N GLU B 10 26.29 15.13 -4.84
CA GLU B 10 25.75 15.79 -3.65
C GLU B 10 24.45 15.13 -3.19
N LEU B 11 23.85 14.24 -3.99
CA LEU B 11 22.71 13.44 -3.52
C LEU B 11 23.14 12.49 -2.41
N LEU B 12 24.36 11.92 -2.52
CA LEU B 12 24.86 10.84 -1.68
C LEU B 12 25.51 11.36 -0.39
N ALA B 13 26.02 12.61 -0.40
CA ALA B 13 26.79 13.14 0.72
C ALA B 13 26.00 13.03 2.02
N PRO B 14 24.74 13.52 2.11
CA PRO B 14 23.96 13.40 3.35
C PRO B 14 23.65 11.94 3.73
N ILE B 15 23.57 11.07 2.71
CA ILE B 15 23.32 9.64 2.86
C ILE B 15 24.48 8.96 3.58
N LYS B 16 25.69 9.16 3.05
CA LYS B 16 26.90 8.56 3.58
C LYS B 16 27.20 9.09 4.98
N ALA B 17 26.88 10.37 5.22
CA ALA B 17 27.09 10.99 6.52
C ALA B 17 26.20 10.30 7.56
N PHE B 18 24.98 9.90 7.16
CA PHE B 18 23.97 9.38 8.08
C PHE B 18 24.20 7.92 8.46
N LEU B 19 24.72 7.13 7.51
CA LEU B 19 24.98 5.71 7.75
C LEU B 19 26.27 5.56 8.54
N GLY B 20 26.40 4.43 9.25
CA GLY B 20 27.55 4.21 10.11
C GLY B 20 28.65 3.35 9.47
N CYS B 21 28.48 3.00 8.19
CA CYS B 21 29.46 2.24 7.41
C CYS B 21 29.00 2.19 5.97
N GLU B 22 29.96 1.92 5.07
CA GLU B 22 29.63 1.68 3.68
C GLU B 22 29.25 0.20 3.50
N THR B 23 28.65 -0.09 2.33
CA THR B 23 28.37 -1.47 1.94
C THR B 23 29.71 -2.20 1.73
N PRO B 24 29.89 -3.38 2.35
CA PRO B 24 31.07 -4.23 2.14
C PRO B 24 31.32 -4.70 0.72
N GLN B 25 32.61 -4.70 0.35
CA GLN B 25 33.10 -5.16 -0.93
C GLN B 25 32.61 -6.58 -1.20
N SER B 26 32.64 -7.42 -0.16
CA SER B 26 32.19 -8.80 -0.26
C SER B 26 30.72 -8.86 -0.70
N TRP B 27 29.88 -7.91 -0.24
CA TRP B 27 28.50 -7.95 -0.71
C TRP B 27 28.44 -7.65 -2.20
N LEU B 28 29.17 -6.60 -2.63
CA LEU B 28 29.09 -6.12 -3.99
C LEU B 28 29.61 -7.20 -4.95
N GLN B 29 30.73 -7.86 -4.61
CA GLN B 29 31.29 -8.80 -5.56
C GLN B 29 30.35 -10.01 -5.68
N PHE B 30 29.68 -10.40 -4.58
CA PHE B 30 28.72 -11.48 -4.63
C PHE B 30 27.49 -11.08 -5.47
N ALA B 31 27.01 -9.84 -5.32
CA ALA B 31 25.75 -9.44 -5.94
C ALA B 31 25.81 -9.54 -7.46
N THR B 32 26.98 -9.23 -8.05
CA THR B 32 27.17 -9.26 -9.50
C THR B 32 27.02 -10.68 -10.06
N GLN B 33 27.08 -11.68 -9.18
CA GLN B 33 26.99 -13.08 -9.56
C GLN B 33 25.64 -13.74 -9.24
N ASP B 34 24.74 -13.07 -8.51
CA ASP B 34 23.36 -13.54 -8.37
C ASP B 34 22.39 -12.36 -8.54
N ILE B 35 22.36 -11.82 -9.76
CA ILE B 35 21.49 -10.71 -10.11
C ILE B 35 20.03 -11.13 -9.97
N GLU B 36 19.71 -12.39 -10.29
CA GLU B 36 18.36 -12.93 -10.16
C GLU B 36 17.80 -12.73 -8.74
N THR B 37 18.51 -13.22 -7.73
CA THR B 37 18.07 -13.12 -6.35
C THR B 37 18.01 -11.64 -5.93
N LEU B 38 18.96 -10.83 -6.42
CA LEU B 38 18.97 -9.39 -6.14
C LEU B 38 17.68 -8.74 -6.61
N LEU B 39 17.31 -8.98 -7.88
CA LEU B 39 16.13 -8.37 -8.48
C LEU B 39 14.85 -8.79 -7.77
N ILE B 40 14.70 -10.10 -7.55
CA ILE B 40 13.50 -10.61 -6.87
C ILE B 40 13.36 -9.97 -5.49
N ASP B 41 14.44 -9.99 -4.68
CA ASP B 41 14.40 -9.38 -3.36
C ASP B 41 14.14 -7.87 -3.45
N HIS B 42 14.81 -7.17 -4.37
CA HIS B 42 14.56 -5.75 -4.63
C HIS B 42 13.06 -5.50 -4.81
N ALA B 43 12.39 -6.26 -5.69
CA ALA B 43 10.96 -6.11 -5.91
C ALA B 43 10.21 -6.27 -4.59
N ASN B 44 10.50 -7.33 -3.85
CA ASN B 44 9.91 -7.54 -2.53
C ASN B 44 10.18 -6.36 -1.59
N CYS B 45 11.36 -5.74 -1.71
CA CYS B 45 11.68 -4.62 -0.81
C CYS B 45 10.84 -3.39 -1.13
N GLU B 46 10.55 -3.16 -2.41
CA GLU B 46 9.69 -2.06 -2.83
C GLU B 46 8.32 -2.24 -2.21
N LYS B 47 7.80 -3.48 -2.23
CA LYS B 47 6.51 -3.80 -1.62
C LYS B 47 6.51 -3.52 -0.11
N LYS B 48 7.60 -3.88 0.58
CA LYS B 48 7.70 -3.64 2.01
C LYS B 48 7.71 -2.14 2.29
N ALA B 49 8.42 -1.37 1.47
CA ALA B 49 8.46 0.07 1.65
C ALA B 49 7.03 0.63 1.56
N ALA B 50 6.27 0.18 0.55
CA ALA B 50 4.91 0.69 0.37
C ALA B 50 4.06 0.35 1.57
N ALA B 51 4.24 -0.88 2.10
CA ALA B 51 3.48 -1.41 3.23
C ALA B 51 3.78 -0.64 4.51
N THR B 52 5.06 -0.36 4.76
CA THR B 52 5.44 0.45 5.91
C THR B 52 4.68 1.79 5.89
N ALA B 53 4.82 2.52 4.77
CA ALA B 53 4.16 3.81 4.58
C ALA B 53 2.66 3.69 4.80
N LEU B 54 2.04 2.71 4.14
CA LEU B 54 0.59 2.56 4.17
C LEU B 54 0.11 2.24 5.59
N ASN B 55 0.88 1.43 6.33
CA ASN B 55 0.54 1.11 7.70
C ASN B 55 0.55 2.35 8.57
N LEU B 56 1.50 3.26 8.30
CA LEU B 56 1.55 4.50 9.04
C LEU B 56 0.32 5.37 8.73
N LEU B 57 -0.19 5.29 7.50
CA LEU B 57 -1.35 6.10 7.12
C LEU B 57 -2.60 5.63 7.84
N PHE B 58 -2.68 4.34 8.17
CA PHE B 58 -3.80 3.84 8.93
C PHE B 58 -3.75 4.34 10.37
N ARG B 59 -2.54 4.45 10.94
CA ARG B 59 -2.36 4.55 12.38
C ARG B 59 -2.29 6.02 12.82
N TYR B 60 -1.72 6.90 12.01
CA TYR B 60 -1.37 8.22 12.50
C TYR B 60 -2.08 9.30 11.71
N VAL B 61 -3.43 9.28 11.72
CA VAL B 61 -4.26 10.17 10.92
C VAL B 61 -4.22 11.61 11.44
N GLU B 62 -3.72 11.83 12.66
CA GLU B 62 -3.63 13.18 13.19
C GLU B 62 -2.34 13.83 12.74
N ARG B 63 -1.41 13.04 12.16
CA ARG B 63 -0.14 13.57 11.69
C ARG B 63 -0.30 14.02 10.23
N LYS B 64 -0.67 15.29 10.03
CA LYS B 64 -1.04 15.84 8.73
C LYS B 64 0.05 15.64 7.69
N GLU B 65 1.27 16.03 8.06
CA GLU B 65 2.39 16.07 7.13
C GLU B 65 2.77 14.64 6.76
N LEU B 66 2.55 13.70 7.70
CA LEU B 66 2.85 12.30 7.47
C LEU B 66 1.89 11.76 6.42
N LEU B 67 0.60 12.13 6.47
CA LEU B 67 -0.39 11.61 5.54
C LEU B 67 -0.04 12.01 4.11
N THR B 68 0.21 13.31 3.90
CA THR B 68 0.58 13.81 2.59
C THR B 68 1.84 13.11 2.05
N ASN B 69 2.91 13.14 2.86
CA ASN B 69 4.24 12.80 2.42
C ASN B 69 4.35 11.28 2.15
N LEU B 70 3.78 10.45 3.04
CA LEU B 70 3.94 9.01 2.93
C LEU B 70 2.91 8.38 1.99
N SER B 71 1.75 9.01 1.76
CA SER B 71 0.84 8.53 0.73
C SER B 71 1.52 8.61 -0.64
N GLN B 72 2.17 9.74 -0.94
CA GLN B 72 2.94 9.92 -2.16
C GLN B 72 4.12 8.95 -2.21
N LEU B 73 4.84 8.75 -1.11
CA LEU B 73 5.97 7.84 -1.07
C LEU B 73 5.50 6.40 -1.37
N ALA B 74 4.40 5.94 -0.74
CA ALA B 74 3.78 4.66 -1.01
C ALA B 74 3.53 4.47 -2.50
N ARG B 75 2.94 5.48 -3.14
CA ARG B 75 2.67 5.40 -4.56
C ARG B 75 3.99 5.24 -5.33
N GLU B 76 5.05 5.91 -4.88
CA GLU B 76 6.31 5.83 -5.63
C GLU B 76 6.95 4.46 -5.49
N GLU B 77 6.82 3.84 -4.31
CA GLU B 77 7.37 2.52 -4.10
C GLU B 77 6.69 1.48 -4.98
N LEU B 78 5.35 1.61 -5.13
CA LEU B 78 4.56 0.71 -5.97
C LEU B 78 4.97 0.82 -7.42
N LEU B 79 5.17 2.05 -7.89
CA LEU B 79 5.74 2.25 -9.21
C LEU B 79 7.10 1.53 -9.30
N HIS B 80 7.90 1.63 -8.24
CA HIS B 80 9.20 0.96 -8.23
C HIS B 80 9.02 -0.55 -8.37
N PHE B 81 8.07 -1.12 -7.61
CA PHE B 81 7.76 -2.52 -7.72
C PHE B 81 7.43 -2.91 -9.16
N GLU B 82 6.52 -2.18 -9.81
CA GLU B 82 6.12 -2.41 -11.19
C GLU B 82 7.30 -2.32 -12.15
N GLN B 83 8.22 -1.37 -11.90
CA GLN B 83 9.39 -1.20 -12.74
C GLN B 83 10.29 -2.44 -12.66
N VAL B 84 10.54 -2.92 -11.43
CA VAL B 84 11.41 -4.07 -11.26
C VAL B 84 10.76 -5.28 -11.91
N CYS B 85 9.43 -5.46 -11.76
CA CYS B 85 8.76 -6.59 -12.37
C CYS B 85 8.93 -6.54 -13.89
N GLU B 86 8.84 -5.34 -14.48
CA GLU B 86 8.95 -5.21 -15.92
C GLU B 86 10.38 -5.51 -16.34
N TYR B 87 11.36 -5.09 -15.55
CA TYR B 87 12.74 -5.42 -15.88
C TYR B 87 12.95 -6.94 -15.85
N MET B 88 12.32 -7.60 -14.87
CA MET B 88 12.38 -9.06 -14.74
C MET B 88 11.75 -9.71 -15.97
N GLU B 89 10.63 -9.14 -16.43
CA GLU B 89 9.85 -9.68 -17.54
C GLU B 89 10.65 -9.57 -18.84
N ASN B 90 11.22 -8.39 -19.08
CA ASN B 90 12.14 -8.18 -20.20
C ASN B 90 13.28 -9.20 -20.17
N MET B 91 13.84 -9.49 -19.00
CA MET B 91 15.03 -10.33 -18.95
C MET B 91 14.65 -11.81 -18.75
N GLY B 92 13.36 -12.14 -18.78
CA GLY B 92 12.92 -13.53 -18.67
C GLY B 92 13.15 -14.12 -17.28
N ILE B 93 13.29 -13.28 -16.24
CA ILE B 93 13.54 -13.75 -14.88
C ILE B 93 12.22 -14.07 -14.18
N PRO B 94 12.01 -15.33 -13.74
CA PRO B 94 10.77 -15.70 -13.08
C PRO B 94 10.68 -15.12 -11.68
N TYR B 95 9.45 -14.87 -11.24
CA TYR B 95 9.24 -14.34 -9.90
C TYR B 95 9.22 -15.52 -8.92
N LYS B 96 10.43 -15.91 -8.50
CA LYS B 96 10.64 -17.02 -7.58
C LYS B 96 10.33 -16.57 -6.16
N HIS B 97 10.13 -17.55 -5.25
CA HIS B 97 9.83 -17.30 -3.85
C HIS B 97 11.14 -17.08 -3.07
N VAL B 98 11.42 -15.83 -2.67
CA VAL B 98 12.65 -15.50 -1.96
C VAL B 98 12.27 -14.94 -0.60
N PRO B 99 12.42 -15.71 0.52
CA PRO B 99 12.07 -15.19 1.84
C PRO B 99 12.86 -13.92 2.17
N SER B 100 12.28 -13.05 3.01
CA SER B 100 12.93 -11.77 3.29
C SER B 100 14.20 -11.98 4.11
N SER B 101 15.13 -11.02 3.97
CA SER B 101 16.33 -10.97 4.79
C SER B 101 15.97 -10.67 6.24
N ARG B 102 16.98 -10.80 7.10
CA ARG B 102 16.89 -10.48 8.52
C ARG B 102 16.83 -8.97 8.76
N TYR B 103 17.13 -8.16 7.75
CA TYR B 103 17.42 -6.75 7.94
C TYR B 103 16.24 -5.97 8.53
N ALA B 104 15.14 -5.86 7.78
CA ALA B 104 14.05 -4.98 8.18
C ALA B 104 13.37 -5.54 9.43
N SER B 105 13.24 -6.86 9.47
CA SER B 105 12.56 -7.53 10.57
C SER B 105 13.36 -7.38 11.86
N SER B 106 14.69 -7.33 11.80
CA SER B 106 15.43 -7.15 13.02
C SER B 106 15.49 -5.66 13.40
N LEU B 107 15.35 -4.76 12.43
CA LEU B 107 15.24 -3.34 12.79
C LEU B 107 13.90 -3.07 13.47
N ARG B 108 12.83 -3.73 13.01
CA ARG B 108 11.50 -3.49 13.58
C ARG B 108 11.42 -3.93 15.03
N LYS B 109 12.36 -4.79 15.46
CA LYS B 109 12.47 -5.27 16.83
C LYS B 109 12.96 -4.19 17.79
N GLN B 110 13.54 -3.10 17.26
CA GLN B 110 14.03 -2.01 18.09
C GLN B 110 12.93 -0.96 18.32
N VAL B 111 11.77 -1.08 17.65
CA VAL B 111 10.72 -0.09 17.81
C VAL B 111 10.19 -0.22 19.23
N ARG B 112 10.16 0.90 19.98
CA ARG B 112 9.64 0.91 21.34
C ARG B 112 8.12 1.04 21.30
N ASN B 113 7.48 0.63 22.39
CA ASN B 113 6.03 0.55 22.47
C ASN B 113 5.40 1.91 22.76
N GLU B 114 6.03 2.69 23.64
CA GLU B 114 5.45 3.91 24.18
C GLU B 114 5.40 5.00 23.10
N GLU B 115 4.22 5.62 22.94
CA GLU B 115 4.07 6.74 22.02
C GLU B 115 4.55 8.02 22.72
N PRO B 116 5.09 9.03 21.99
CA PRO B 116 5.28 8.95 20.54
C PRO B 116 6.59 8.34 20.05
N TYR B 117 7.29 7.60 20.93
CA TYR B 117 8.59 7.04 20.62
C TYR B 117 8.44 5.92 19.59
N ARG B 118 7.32 5.20 19.64
CA ARG B 118 7.02 4.18 18.64
C ARG B 118 7.05 4.79 17.24
N LEU B 119 6.29 5.87 17.02
CA LEU B 119 6.20 6.56 15.74
C LEU B 119 7.59 7.02 15.28
N VAL B 120 8.33 7.69 16.17
CA VAL B 120 9.64 8.26 15.88
C VAL B 120 10.61 7.15 15.48
N ASP B 121 10.54 6.02 16.20
CA ASP B 121 11.39 4.88 15.91
C ASP B 121 11.11 4.33 14.52
N ILE B 122 9.83 4.13 14.20
CA ILE B 122 9.51 3.60 12.89
C ILE B 122 10.04 4.57 11.83
N LEU B 123 9.88 5.88 12.04
CA LEU B 123 10.31 6.84 11.04
C LEU B 123 11.83 6.86 10.93
N ILE B 124 12.55 6.78 12.05
CA ILE B 124 14.01 6.75 12.01
C ILE B 124 14.48 5.51 11.25
N ILE B 125 13.87 4.37 11.54
CA ILE B 125 14.15 3.13 10.85
C ILE B 125 13.87 3.27 9.35
N GLY B 126 12.78 3.94 8.97
CA GLY B 126 12.51 4.24 7.57
C GLY B 126 13.68 4.98 6.92
N ALA B 127 14.21 5.98 7.61
CA ALA B 127 15.27 6.82 7.07
C ALA B 127 16.53 5.98 6.81
N PHE B 128 16.89 5.14 7.77
CA PHE B 128 18.02 4.22 7.62
C PHE B 128 17.85 3.25 6.45
N ILE B 129 16.66 2.66 6.31
CA ILE B 129 16.41 1.70 5.25
C ILE B 129 16.53 2.39 3.90
N GLU B 130 15.93 3.59 3.77
CA GLU B 130 16.02 4.35 2.52
C GLU B 130 17.46 4.82 2.28
N ALA B 131 18.16 5.24 3.35
CA ALA B 131 19.55 5.68 3.24
C ALA B 131 20.43 4.52 2.76
N ARG B 132 20.24 3.36 3.38
CA ARG B 132 21.02 2.19 3.03
C ARG B 132 20.75 1.78 1.59
N SER B 133 19.46 1.72 1.19
CA SER B 133 19.15 1.39 -0.18
C SER B 133 19.87 2.35 -1.13
N CYS B 134 19.82 3.65 -0.84
CA CYS B 134 20.45 4.64 -1.71
C CYS B 134 21.95 4.36 -1.85
N GLU B 135 22.64 4.18 -0.72
CA GLU B 135 24.09 3.96 -0.65
C GLU B 135 24.48 2.72 -1.44
N ARG B 136 23.60 1.71 -1.39
CA ARG B 136 23.91 0.41 -1.95
C ARG B 136 23.66 0.40 -3.46
N PHE B 137 22.58 1.02 -3.95
CA PHE B 137 22.41 1.21 -5.38
C PHE B 137 23.58 2.00 -5.98
N ALA B 138 24.07 3.02 -5.27
CA ALA B 138 25.16 3.84 -5.78
C ALA B 138 26.45 3.03 -5.82
N ALA B 139 26.67 2.14 -4.85
CA ALA B 139 27.92 1.40 -4.75
C ALA B 139 27.92 0.28 -5.77
N LEU B 140 26.72 -0.20 -6.14
CA LEU B 140 26.59 -1.34 -7.04
C LEU B 140 26.62 -0.89 -8.49
N ALA B 141 26.09 0.31 -8.81
CA ALA B 141 25.90 0.74 -10.18
C ALA B 141 27.22 0.73 -10.98
N PRO B 142 28.35 1.24 -10.41
CA PRO B 142 29.62 1.23 -11.13
C PRO B 142 30.08 -0.17 -11.51
N LEU B 143 29.72 -1.16 -10.69
CA LEU B 143 30.06 -2.54 -10.99
C LEU B 143 29.21 -3.06 -12.15
N LEU B 144 27.90 -2.75 -12.14
CA LEU B 144 26.99 -3.18 -13.18
C LEU B 144 27.34 -2.50 -14.51
N GLU B 145 27.95 -1.32 -14.44
CA GLU B 145 28.25 -0.51 -15.62
C GLU B 145 29.40 -1.14 -16.41
N THR B 146 30.11 -2.07 -15.78
CA THR B 146 31.28 -2.74 -16.33
C THR B 146 30.91 -3.66 -17.50
N GLN B 147 29.69 -4.17 -17.48
CA GLN B 147 29.27 -5.23 -18.38
C GLN B 147 28.12 -4.70 -19.23
N PRO B 148 28.19 -4.84 -20.57
CA PRO B 148 27.08 -4.45 -21.44
C PRO B 148 25.74 -4.99 -20.96
N GLU B 149 25.70 -6.26 -20.57
CA GLU B 149 24.42 -6.91 -20.27
C GLU B 149 23.76 -6.30 -19.04
N THR B 150 24.50 -5.58 -18.16
CA THR B 150 23.92 -4.99 -16.95
C THR B 150 23.92 -3.45 -16.97
N GLN B 151 24.27 -2.81 -18.09
CA GLN B 151 24.33 -1.35 -18.17
C GLN B 151 22.96 -0.68 -18.03
N GLU B 152 21.89 -1.28 -18.59
CA GLU B 152 20.53 -0.79 -18.42
C GLU B 152 20.18 -0.79 -16.92
N LEU B 153 20.53 -1.86 -16.20
CA LEU B 153 20.25 -1.96 -14.77
C LEU B 153 21.00 -0.87 -14.01
N ALA B 154 22.27 -0.67 -14.40
CA ALA B 154 23.13 0.36 -13.82
C ALA B 154 22.46 1.72 -13.94
N ARG B 155 21.86 2.01 -15.10
CA ARG B 155 21.18 3.27 -15.35
C ARG B 155 19.98 3.39 -14.40
N TYR B 156 19.24 2.29 -14.24
CA TYR B 156 18.09 2.26 -13.34
C TYR B 156 18.55 2.54 -11.92
N TYR B 157 19.62 1.87 -11.48
CA TYR B 157 20.12 2.02 -10.11
C TYR B 157 20.55 3.46 -9.86
N ARG B 158 21.10 4.14 -10.87
CA ARG B 158 21.46 5.55 -10.78
C ARG B 158 20.23 6.44 -10.70
N PHE B 159 19.19 6.05 -11.43
CA PHE B 159 17.93 6.76 -11.40
C PHE B 159 17.32 6.71 -9.99
N LEU B 160 17.42 5.55 -9.33
CA LEU B 160 16.74 5.34 -8.06
C LEU B 160 17.38 6.17 -6.96
N LEU B 161 18.64 6.61 -7.14
CA LEU B 161 19.31 7.49 -6.20
C LEU B 161 18.50 8.76 -5.93
N LYS B 162 17.78 9.26 -6.95
CA LYS B 162 17.00 10.48 -6.81
C LYS B 162 15.86 10.23 -5.82
N SER B 163 15.11 9.16 -6.07
CA SER B 163 13.98 8.76 -5.23
C SER B 163 14.40 8.52 -3.78
N GLU B 164 15.38 7.61 -3.60
CA GLU B 164 15.71 7.08 -2.29
C GLU B 164 16.26 8.20 -1.41
N SER B 165 17.05 9.09 -2.00
CA SER B 165 17.62 10.20 -1.27
C SER B 165 16.53 11.12 -0.72
N ARG B 166 15.42 11.29 -1.46
CA ARG B 166 14.30 12.11 -1.03
C ARG B 166 13.48 11.39 0.03
N HIS B 167 13.39 10.07 -0.10
CA HIS B 167 12.65 9.23 0.83
C HIS B 167 13.33 9.25 2.20
N PHE B 168 14.66 9.15 2.21
CA PHE B 168 15.47 9.30 3.42
C PHE B 168 15.15 10.62 4.09
N GLU B 169 15.27 11.71 3.34
CA GLU B 169 15.05 13.04 3.87
C GLU B 169 13.64 13.13 4.46
N ASP B 170 12.63 12.61 3.74
CA ASP B 170 11.26 12.75 4.17
C ASP B 170 11.01 12.02 5.50
N TYR B 171 11.49 10.77 5.63
CA TYR B 171 11.41 10.04 6.89
C TYR B 171 12.12 10.78 8.02
N LEU B 172 13.34 11.27 7.77
CA LEU B 172 14.12 11.92 8.83
C LEU B 172 13.47 13.25 9.24
N ALA B 173 12.97 14.03 8.28
CA ALA B 173 12.23 15.25 8.59
C ALA B 173 11.02 14.93 9.47
N LEU B 174 10.31 13.84 9.18
CA LEU B 174 9.12 13.49 9.96
C LEU B 174 9.48 13.10 11.40
N ALA B 175 10.48 12.21 11.54
CA ALA B 175 10.97 11.80 12.86
C ALA B 175 11.29 13.01 13.73
N THR B 176 11.98 13.96 13.09
CA THR B 176 12.45 15.18 13.73
C THR B 176 11.26 16.02 14.20
N GLN B 177 10.25 16.16 13.34
CA GLN B 177 9.07 16.96 13.65
C GLN B 177 8.36 16.44 14.90
N TYR B 178 8.25 15.11 15.00
CA TYR B 178 7.35 14.47 15.96
C TYR B 178 8.06 14.03 17.24
N PHE B 179 9.39 14.12 17.28
CA PHE B 179 10.17 13.75 18.45
C PHE B 179 9.93 14.74 19.58
N PRO B 180 9.53 14.28 20.79
CA PRO B 180 9.13 15.21 21.85
C PRO B 180 10.20 15.81 22.76
N ASP B 181 11.39 15.20 22.76
CA ASP B 181 12.46 15.57 23.66
C ASP B 181 13.50 16.40 22.90
N THR B 182 14.70 16.54 23.47
CA THR B 182 15.71 17.45 22.96
C THR B 182 16.34 16.90 21.69
N GLU B 183 16.96 17.82 20.96
CA GLU B 183 17.69 17.48 19.74
C GLU B 183 18.77 16.47 20.06
N ALA B 184 19.51 16.68 21.16
CA ALA B 184 20.55 15.75 21.61
C ALA B 184 19.98 14.36 21.89
N ASP B 185 18.78 14.28 22.49
CA ASP B 185 18.07 13.03 22.72
C ASP B 185 17.74 12.34 21.38
N LEU B 186 17.19 13.08 20.42
CA LEU B 186 16.97 12.58 19.07
C LEU B 186 18.23 11.93 18.51
N HIS B 187 19.35 12.69 18.53
CA HIS B 187 20.60 12.26 17.93
C HIS B 187 21.17 11.01 18.61
N ALA B 188 21.02 10.87 19.93
CA ALA B 188 21.44 9.68 20.65
C ALA B 188 20.62 8.44 20.26
N ARG B 189 19.29 8.61 20.10
CA ARG B 189 18.45 7.53 19.63
C ARG B 189 18.79 7.11 18.21
N ILE B 190 19.03 8.08 17.32
CA ILE B 190 19.50 7.78 15.97
C ILE B 190 20.82 7.00 16.04
N ALA B 191 21.76 7.39 16.93
CA ALA B 191 23.06 6.73 17.00
C ALA B 191 22.92 5.28 17.45
N GLU B 192 21.90 5.00 18.27
CA GLU B 192 21.60 3.63 18.69
C GLU B 192 21.13 2.81 17.49
N ILE B 193 20.22 3.36 16.70
CA ILE B 193 19.73 2.62 15.54
C ILE B 193 20.85 2.54 14.51
N ARG B 194 21.61 3.61 14.33
CA ARG B 194 22.81 3.55 13.50
C ARG B 194 23.62 2.31 13.83
N GLU B 195 23.85 2.05 15.13
CA GLU B 195 24.70 0.93 15.52
C GLU B 195 24.05 -0.41 15.16
N CYS B 196 22.75 -0.63 15.44
CA CYS B 196 22.15 -1.90 15.06
C CYS B 196 22.30 -2.13 13.57
N GLU B 197 22.02 -1.06 12.78
CA GLU B 197 22.01 -1.12 11.32
C GLU B 197 23.39 -1.49 10.81
N ARG B 198 24.43 -0.79 11.30
CA ARG B 198 25.81 -1.09 10.94
C ARG B 198 26.07 -2.59 11.12
N GLU B 199 25.74 -3.11 12.31
CA GLU B 199 26.03 -4.49 12.66
C GLU B 199 25.33 -5.47 11.69
N LEU B 200 24.07 -5.20 11.33
CA LEU B 200 23.33 -6.03 10.36
C LEU B 200 24.00 -6.03 8.98
N ILE B 201 24.63 -4.92 8.61
CA ILE B 201 25.25 -4.79 7.30
C ILE B 201 26.67 -5.37 7.29
N GLU B 202 27.44 -5.21 8.37
CA GLU B 202 28.85 -5.61 8.37
C GLU B 202 29.04 -7.06 8.84
N SER B 203 28.12 -7.57 9.67
CA SER B 203 28.26 -8.92 10.19
C SER B 203 27.98 -9.93 9.07
N GLU B 204 28.56 -11.13 9.26
CA GLU B 204 28.41 -12.24 8.35
C GLU B 204 26.94 -12.62 8.16
N ASP B 205 26.61 -13.12 6.96
CA ASP B 205 25.24 -13.53 6.65
C ASP B 205 25.27 -14.79 5.77
N THR B 206 24.41 -15.75 6.17
CA THR B 206 24.15 -17.03 5.54
C THR B 206 23.43 -16.90 4.19
N GLU B 207 22.72 -15.78 3.98
CA GLU B 207 21.97 -15.59 2.76
C GLU B 207 22.40 -14.31 2.06
N PHE B 208 21.97 -14.22 0.80
CA PHE B 208 22.19 -13.06 -0.03
C PHE B 208 20.85 -12.44 -0.35
N ARG B 209 20.73 -11.16 0.01
CA ARG B 209 19.52 -10.39 -0.25
C ARG B 209 19.96 -8.95 -0.52
N PHE B 210 19.03 -8.10 -0.94
CA PHE B 210 19.38 -6.70 -1.14
C PHE B 210 20.05 -6.13 0.10
N HIS B 211 19.51 -6.41 1.30
CA HIS B 211 20.02 -5.79 2.53
C HIS B 211 20.69 -6.84 3.43
N SER B 212 21.23 -7.90 2.83
CA SER B 212 21.95 -8.91 3.59
C SER B 212 23.30 -8.37 4.03
N GLY B 213 23.89 -9.06 5.01
CA GLY B 213 25.22 -8.70 5.50
C GLY B 213 26.33 -9.32 4.66
N SER B 214 27.56 -9.26 5.20
CA SER B 214 28.76 -9.78 4.54
C SER B 214 28.62 -11.28 4.20
N PRO B 215 28.66 -11.68 2.91
CA PRO B 215 28.41 -13.07 2.53
C PRO B 215 29.29 -14.10 3.24
N ALA B 216 28.67 -15.09 3.90
CA ALA B 216 29.42 -16.10 4.64
C ALA B 216 30.29 -16.92 3.69
N PRO B 217 31.36 -17.60 4.18
CA PRO B 217 32.22 -18.43 3.34
C PRO B 217 31.49 -19.52 2.54
N ALA B 218 30.55 -20.20 3.20
CA ALA B 218 29.73 -21.24 2.59
C ALA B 218 28.99 -20.72 1.36
N LEU B 219 28.36 -19.54 1.50
CA LEU B 219 27.56 -18.93 0.44
C LEU B 219 28.47 -18.52 -0.71
N ARG B 220 29.64 -17.96 -0.38
CA ARG B 220 30.61 -17.52 -1.37
C ARG B 220 31.23 -18.71 -2.10
N ALA B 221 31.38 -19.85 -1.40
CA ALA B 221 31.88 -21.07 -2.02
C ALA B 221 30.87 -21.62 -3.04
N GLY B 222 29.58 -21.34 -2.80
CA GLY B 222 28.48 -21.94 -3.56
C GLY B 222 28.35 -21.45 -5.00
N ILE B 223 28.88 -20.26 -5.33
CA ILE B 223 28.82 -19.81 -6.72
C ILE B 223 29.87 -20.56 -7.54
#